data_5A6F
#
_entry.id   5A6F
#
_cell.length_a   1.000
_cell.length_b   1.000
_cell.length_c   1.000
_cell.angle_alpha   90.00
_cell.angle_beta   90.00
_cell.angle_gamma   90.00
#
_symmetry.space_group_name_H-M   'P 1'
#
loop_
_entity.id
_entity.type
_entity.pdbx_description
1 polymer 'GATING RING OF POTASSIUM CHANNEL SUBFAMILY T MEMBER 1'
2 polymer 'RCK2 ELABORATION OF POTASSIUM CHANNEL SUBFAMILY T MEMBER 1'
#
loop_
_entity_poly.entity_id
_entity_poly.type
_entity_poly.pdbx_seq_one_letter_code
_entity_poly.pdbx_strand_id
1 'polypeptide(L)'
;KHVVLCVSSLKIDLLMDFLNEFYAHPRLQDYYVVILCPTEMDIQVRRVLQIPLWSQRVIYLQGSALKDQDLMRAKMDNGE
ACFILSSRNEVDRTAADHQTILRAWAVKDFAPNCPLYVQILKPENKFHVKFADHVVCEEECKYAMLALNCVCPATSTLIT
LLVHTSRGQEGQESPEQWQRMYGRCSGNEVYHIRMGDSKFFMEYEGKSFTYAAFHAHKKYGVCLIGIRREENKSILLNPG
PRHIMAASDTCFYINITKEENSAFIFKQAEKQKKKGFAGRGTYDGPSRLPVHSIIASMGTVAMDLQNTECRPTNSSKLAL
PAENGSGNRRPSIAPVLELADTSSLLPCDLLSDQSEDEMTQSDEEGSAVVEYVKGYPPNSPYIGSSPTLCHLLPEKAPFC
CLRLDKGCKHNSFEDAKAYGFKNKLIIVSAETAGNGLYNFIVPLRAYYRSRKELNPIVLLLDNKPEHHFLEAICCFPMVY
YMEGTIDNLDSLLQCGIIYADNLVVVDKESTMSAEEDYMADAKTIVNVQTMFRLFPSLSIITELTHPSNMRFMQFRAKDS
YSLALSKLEKKERENGSNLAFMFRLPFAAGRVFSISMLDTLLYQSFVKDYMITITRLLLGLDTTPGSGYLCAMKITEDDL
WIRTYGRLFQKLCSSSAEIPIGIYRTESHNTLSYVLINPPPDTRLELNDIVYLIRSDPLA
;
C
2 'polypeptide(L)'
;(UNK)(UNK)(UNK)(UNK)(UNK)(UNK)(UNK)(UNK)(UNK)(UNK)(UNK)(UNK)(UNK)(UNK)(UNK)(UNK)
(UNK)(UNK)(UNK)(UNK)(UNK)(UNK)(UNK)(UNK)(UNK)(UNK)(UNK)(UNK)(UNK)(UNK)(UNK)(UNK)
(UNK)(UNK)(UNK)(UNK)(UNK)(UNK)(UNK)(UNK)(UNK)(UNK)(UNK)
;
D
#
# COMPACT_ATOMS: atom_id res chain seq x y z
N LYS A 1 -3.32 -1.84 31.46
CA LYS A 1 -3.40 -1.21 30.14
C LYS A 1 -2.07 -1.24 29.39
N HIS A 2 -1.47 -2.42 29.31
CA HIS A 2 -0.08 -2.56 28.87
C HIS A 2 0.00 -3.08 27.42
N VAL A 3 0.49 -2.24 26.51
CA VAL A 3 0.68 -2.62 25.11
C VAL A 3 2.10 -3.10 24.81
N VAL A 4 2.21 -4.19 24.07
CA VAL A 4 3.49 -4.83 23.84
C VAL A 4 3.97 -4.63 22.42
N LEU A 5 5.27 -4.36 22.29
CA LEU A 5 5.91 -4.27 21.00
C LEU A 5 7.29 -4.91 21.07
N CYS A 6 7.59 -5.77 20.10
CA CYS A 6 8.87 -6.45 20.08
C CYS A 6 9.61 -6.33 18.74
N VAL A 7 10.93 -6.18 18.82
CA VAL A 7 11.77 -5.94 17.64
C VAL A 7 13.22 -6.38 17.88
N SER A 8 13.92 -6.73 16.80
CA SER A 8 15.32 -7.14 16.89
C SER A 8 16.29 -5.96 17.05
N SER A 9 16.17 -4.95 16.18
CA SER A 9 17.01 -3.75 16.25
C SER A 9 16.18 -2.48 16.11
N LEU A 10 16.11 -1.70 17.18
CA LEU A 10 15.36 -0.45 17.12
C LEU A 10 16.20 0.66 16.52
N LYS A 11 15.50 1.61 15.94
CA LYS A 11 16.14 2.80 15.41
C LYS A 11 15.18 3.94 15.57
N ILE A 12 15.70 5.15 15.53
CA ILE A 12 14.91 6.33 15.79
C ILE A 12 13.63 6.20 15.03
N ASP A 13 13.79 5.83 13.77
CA ASP A 13 12.69 5.81 12.82
C ASP A 13 11.46 5.02 13.28
N LEU A 14 11.58 3.70 13.26
CA LEU A 14 10.46 2.78 13.45
C LEU A 14 9.69 3.21 14.69
N LEU A 15 10.44 3.31 15.78
CA LEU A 15 9.93 3.84 17.03
C LEU A 15 9.14 5.10 16.80
N MET A 16 9.87 6.15 16.43
CA MET A 16 9.29 7.48 16.34
C MET A 16 7.95 7.39 15.68
N ASP A 17 7.94 6.98 14.41
CA ASP A 17 6.71 7.06 13.66
C ASP A 17 5.64 6.19 14.30
N PHE A 18 6.03 5.07 14.91
CA PHE A 18 5.06 4.32 15.69
C PHE A 18 4.44 5.23 16.74
N LEU A 19 5.27 5.70 17.65
CA LEU A 19 4.82 6.54 18.74
C LEU A 19 3.91 7.62 18.22
N ASN A 20 4.48 8.53 17.43
CA ASN A 20 3.76 9.68 16.92
C ASN A 20 2.45 9.22 16.33
N GLU A 21 2.50 8.09 15.66
CA GLU A 21 1.29 7.52 15.12
C GLU A 21 0.34 6.98 16.20
N PHE A 22 0.88 6.38 17.24
CA PHE A 22 0.05 5.58 18.13
C PHE A 22 -0.83 6.45 19.02
N TYR A 23 -0.27 7.55 19.51
CA TYR A 23 -1.01 8.44 20.40
C TYR A 23 -1.88 9.41 19.61
N ALA A 24 -1.84 9.30 18.29
CA ALA A 24 -2.69 10.09 17.42
C ALA A 24 -4.15 9.76 17.65
N HIS A 25 -4.41 8.58 18.20
CA HIS A 25 -5.78 8.19 18.53
C HIS A 25 -6.22 8.79 19.83
N PRO A 26 -7.36 9.50 19.80
CA PRO A 26 -7.85 10.17 21.01
C PRO A 26 -8.31 9.15 22.03
N ARG A 27 -8.89 8.10 21.49
CA ARG A 27 -9.60 7.12 22.25
C ARG A 27 -8.59 6.32 23.06
N LEU A 28 -7.73 5.60 22.36
CA LEU A 28 -6.72 4.82 23.04
C LEU A 28 -5.44 5.59 22.96
N GLN A 29 -5.07 6.17 24.09
CA GLN A 29 -3.80 6.82 24.23
C GLN A 29 -3.16 6.23 25.46
N ASP A 30 -3.86 6.31 26.58
CA ASP A 30 -3.24 5.90 27.82
C ASP A 30 -3.00 4.40 27.73
N TYR A 31 -1.72 4.06 27.71
CA TYR A 31 -1.26 2.70 27.73
C TYR A 31 0.18 2.74 28.14
N TYR A 32 0.65 1.62 28.64
CA TYR A 32 2.05 1.48 28.90
C TYR A 32 2.58 0.73 27.67
N VAL A 33 3.41 1.42 26.89
CA VAL A 33 4.04 0.85 25.71
C VAL A 33 5.29 0.07 26.06
N VAL A 34 5.27 -1.23 25.79
CA VAL A 34 6.32 -2.11 26.25
C VAL A 34 7.28 -2.42 25.11
N ILE A 35 8.58 -2.20 25.37
CA ILE A 35 9.61 -2.55 24.40
C ILE A 35 10.51 -3.70 24.81
N LEU A 36 10.59 -4.71 23.95
CA LEU A 36 11.48 -5.86 24.15
C LEU A 36 12.55 -5.94 23.09
N CYS A 37 13.81 -5.88 23.51
CA CYS A 37 14.91 -6.02 22.57
C CYS A 37 16.12 -6.70 23.23
N PRO A 38 16.86 -7.51 22.46
CA PRO A 38 18.10 -8.08 23.01
C PRO A 38 19.27 -7.12 23.24
N THR A 39 19.52 -6.26 22.26
CA THR A 39 20.65 -5.34 22.30
C THR A 39 20.31 -4.09 23.10
N GLU A 40 21.33 -3.40 23.61
CA GLU A 40 21.14 -2.16 24.36
C GLU A 40 20.57 -1.05 23.49
N MET A 41 19.97 -0.04 24.13
CA MET A 41 19.57 1.18 23.43
C MET A 41 20.78 1.94 22.88
N ASP A 42 20.65 2.56 21.70
CA ASP A 42 21.72 3.41 21.14
C ASP A 42 21.74 4.73 21.92
N ILE A 43 22.71 5.61 21.63
CA ILE A 43 22.90 6.86 22.38
C ILE A 43 21.90 7.94 21.90
N GLN A 44 21.31 7.67 20.74
CA GLN A 44 20.36 8.58 20.10
C GLN A 44 18.94 8.25 20.58
N VAL A 45 18.50 7.03 20.30
CA VAL A 45 17.16 6.61 20.69
C VAL A 45 16.96 6.70 22.21
N ARG A 46 17.98 6.32 22.99
CA ARG A 46 17.88 6.36 24.46
C ARG A 46 17.64 7.80 24.93
N ARG A 47 17.86 8.74 24.03
CA ARG A 47 17.63 10.15 24.30
C ARG A 47 16.15 10.54 24.16
N VAL A 48 15.40 9.83 23.35
CA VAL A 48 14.00 10.15 23.11
C VAL A 48 13.09 9.55 24.18
N LEU A 49 13.66 8.72 25.05
CA LEU A 49 12.93 8.16 26.18
C LEU A 49 12.99 9.07 27.40
N GLN A 50 13.88 10.06 27.34
CA GLN A 50 14.16 10.96 28.45
C GLN A 50 13.30 12.23 28.38
N ILE A 51 12.57 12.42 27.29
CA ILE A 51 11.78 13.64 27.04
C ILE A 51 10.54 13.75 27.99
N PRO A 52 10.22 14.97 28.53
CA PRO A 52 9.18 15.08 29.57
C PRO A 52 7.83 14.37 29.31
N LEU A 53 7.41 14.27 28.05
CA LEU A 53 6.12 13.66 27.69
C LEU A 53 6.15 12.11 27.61
N TRP A 54 7.14 11.55 26.91
CA TRP A 54 7.15 10.12 26.61
C TRP A 54 7.79 9.26 27.70
N SER A 55 8.22 9.88 28.79
CA SER A 55 8.92 9.17 29.85
C SER A 55 8.10 8.01 30.41
N GLN A 56 6.97 8.36 31.03
CA GLN A 56 6.18 7.41 31.83
C GLN A 56 5.04 6.75 31.05
N ARG A 57 4.93 7.05 29.76
CA ARG A 57 4.01 6.34 28.88
C ARG A 57 4.73 5.24 28.07
N VAL A 58 6.04 5.14 28.23
CA VAL A 58 6.87 4.17 27.50
C VAL A 58 7.75 3.33 28.42
N ILE A 59 7.46 2.04 28.53
CA ILE A 59 8.30 1.13 29.31
C ILE A 59 9.23 0.42 28.33
N TYR A 60 10.53 0.55 28.59
CA TYR A 60 11.54 -0.19 27.87
C TYR A 60 12.22 -1.26 28.73
N LEU A 61 12.30 -2.49 28.23
CA LEU A 61 12.98 -3.57 28.96
C LEU A 61 13.87 -4.41 28.03
N GLN A 62 14.96 -4.94 28.59
CA GLN A 62 15.95 -5.69 27.82
C GLN A 62 15.69 -7.19 27.91
N GLY A 63 15.48 -7.82 26.75
CA GLY A 63 15.23 -9.25 26.67
C GLY A 63 14.65 -9.74 25.35
N SER A 64 14.49 -11.06 25.24
CA SER A 64 14.02 -11.69 24.01
C SER A 64 12.59 -12.24 24.09
N ALA A 65 12.11 -12.79 22.97
CA ALA A 65 10.77 -13.36 22.91
C ALA A 65 10.73 -14.85 23.22
N LEU A 66 11.88 -15.50 23.21
CA LEU A 66 11.92 -16.95 23.35
C LEU A 66 11.89 -17.42 24.78
N LYS A 67 12.73 -16.82 25.61
CA LYS A 67 12.75 -17.15 27.02
C LYS A 67 11.39 -16.82 27.59
N ASP A 68 10.88 -17.66 28.48
CA ASP A 68 9.55 -17.47 29.04
C ASP A 68 9.58 -16.40 30.19
N GLN A 69 10.72 -16.31 30.87
CA GLN A 69 10.94 -15.34 31.95
C GLN A 69 10.65 -13.87 31.53
N ASP A 70 11.28 -13.43 30.44
CA ASP A 70 11.17 -12.05 29.99
C ASP A 70 9.75 -11.73 29.43
N LEU A 71 9.08 -12.75 28.87
CA LEU A 71 7.67 -12.60 28.49
C LEU A 71 6.85 -12.30 29.72
N MET A 72 7.03 -13.11 30.78
CA MET A 72 6.40 -12.79 32.07
C MET A 72 6.67 -11.34 32.45
N ARG A 73 7.94 -10.96 32.40
CA ARG A 73 8.37 -9.61 32.79
C ARG A 73 7.52 -8.50 32.17
N ALA A 74 6.93 -8.76 31.01
CA ALA A 74 6.14 -7.76 30.29
C ALA A 74 4.67 -7.79 30.70
N LYS A 75 4.27 -8.79 31.47
CA LYS A 75 2.88 -8.96 31.81
C LYS A 75 2.07 -9.09 30.50
N MET A 76 2.22 -10.21 29.80
CA MET A 76 1.49 -10.43 28.55
C MET A 76 0.00 -10.63 28.76
N ASP A 77 -0.34 -11.58 29.62
CA ASP A 77 -1.73 -11.95 29.88
C ASP A 77 -2.59 -10.72 30.21
N ASN A 78 -2.04 -9.86 31.06
CA ASN A 78 -2.68 -8.59 31.44
C ASN A 78 -2.73 -7.68 30.18
N GLY A 79 -1.62 -7.61 29.44
CA GLY A 79 -1.49 -6.70 28.29
C GLY A 79 -2.58 -6.81 27.23
N GLU A 80 -3.03 -5.67 26.72
CA GLU A 80 -4.20 -5.65 25.82
C GLU A 80 -3.82 -5.81 24.35
N ALA A 81 -2.55 -5.64 24.03
CA ALA A 81 -2.10 -5.75 22.65
C ALA A 81 -0.68 -6.26 22.53
N CYS A 82 -0.42 -7.10 21.54
CA CYS A 82 0.90 -7.68 21.31
C CYS A 82 1.39 -7.43 19.89
N PHE A 83 2.50 -6.72 19.78
CA PHE A 83 3.03 -6.40 18.47
C PHE A 83 4.42 -6.95 18.29
N ILE A 84 4.58 -7.63 17.18
CA ILE A 84 5.88 -8.09 16.77
C ILE A 84 6.18 -7.41 15.47
N LEU A 85 7.44 -7.10 15.27
CA LEU A 85 7.87 -6.29 14.15
C LEU A 85 9.17 -6.89 13.63
N SER A 86 9.47 -6.63 12.36
CA SER A 86 10.71 -7.09 11.74
C SER A 86 11.68 -5.97 11.38
N SER A 87 12.97 -6.20 11.58
CA SER A 87 13.96 -5.22 11.16
C SER A 87 13.97 -5.12 9.62
N ARG A 88 14.07 -3.89 9.12
CA ARG A 88 14.10 -3.64 7.68
C ARG A 88 15.47 -3.91 7.10
N ASN A 89 16.48 -3.17 7.60
CA ASN A 89 17.82 -3.23 7.05
C ASN A 89 18.65 -4.31 7.67
N GLU A 90 18.96 -5.32 6.85
CA GLU A 90 19.74 -6.44 7.30
C GLU A 90 20.49 -7.09 6.15
N VAL A 91 21.55 -7.78 6.52
CA VAL A 91 22.40 -8.53 5.60
C VAL A 91 21.55 -9.55 4.83
N ASP A 92 20.83 -10.38 5.59
CA ASP A 92 20.12 -11.54 5.05
C ASP A 92 18.63 -11.22 5.09
N ARG A 93 17.96 -11.34 3.94
CA ARG A 93 16.53 -11.17 3.88
C ARG A 93 15.84 -12.45 4.41
N THR A 94 16.38 -13.62 4.07
CA THR A 94 15.73 -14.89 4.41
C THR A 94 15.77 -15.24 5.91
N ALA A 95 16.75 -14.71 6.66
CA ALA A 95 16.91 -15.04 8.08
C ALA A 95 15.92 -14.28 8.98
N ALA A 96 15.80 -12.99 8.70
CA ALA A 96 14.91 -12.13 9.47
C ALA A 96 13.53 -12.81 9.62
N ASP A 97 13.06 -13.37 8.50
CA ASP A 97 11.78 -14.08 8.45
C ASP A 97 11.67 -15.11 9.57
N HIS A 98 12.66 -15.99 9.57
CA HIS A 98 12.74 -17.02 10.57
C HIS A 98 12.58 -16.36 11.94
N GLN A 99 13.38 -15.32 12.21
CA GLN A 99 13.34 -14.67 13.53
C GLN A 99 11.88 -14.34 13.94
N THR A 100 11.24 -13.58 13.08
CA THR A 100 9.88 -13.15 13.35
C THR A 100 8.94 -14.34 13.60
N ILE A 101 8.76 -15.19 12.57
CA ILE A 101 7.72 -16.21 12.62
C ILE A 101 7.92 -16.98 13.89
N LEU A 102 9.18 -17.25 14.22
CA LEU A 102 9.47 -17.93 15.46
C LEU A 102 8.78 -17.16 16.56
N ARG A 103 9.16 -15.90 16.75
CA ARG A 103 8.60 -15.12 17.86
C ARG A 103 7.10 -15.36 17.93
N ALA A 104 6.46 -15.31 16.76
CA ALA A 104 5.02 -15.49 16.70
C ALA A 104 4.58 -16.71 17.50
N TRP A 105 5.19 -17.84 17.21
CA TRP A 105 4.83 -19.06 17.92
C TRP A 105 4.89 -18.71 19.40
N ALA A 106 6.09 -18.44 19.91
CA ALA A 106 6.31 -18.30 21.35
C ALA A 106 5.25 -17.43 22.01
N VAL A 107 4.96 -16.29 21.39
CA VAL A 107 3.96 -15.41 21.95
C VAL A 107 2.60 -16.09 21.95
N LYS A 108 2.19 -16.65 20.80
CA LYS A 108 0.90 -17.33 20.71
C LYS A 108 0.81 -18.40 21.80
N ASP A 109 1.85 -19.21 21.89
CA ASP A 109 1.97 -20.23 22.94
C ASP A 109 1.66 -19.68 24.31
N PHE A 110 2.51 -18.76 24.71
CA PHE A 110 2.40 -18.17 26.02
C PHE A 110 0.94 -17.81 26.34
N ALA A 111 0.37 -16.89 25.56
CA ALA A 111 -1.00 -16.44 25.81
C ALA A 111 -1.85 -16.50 24.55
N PRO A 112 -2.53 -17.63 24.33
CA PRO A 112 -3.30 -17.79 23.09
C PRO A 112 -4.69 -17.15 23.14
N ASN A 113 -4.73 -15.89 23.56
CA ASN A 113 -5.96 -15.12 23.64
C ASN A 113 -5.76 -13.85 22.85
N CYS A 114 -4.78 -13.07 23.32
CA CYS A 114 -4.54 -11.71 22.86
C CYS A 114 -4.37 -11.61 21.36
N PRO A 115 -4.66 -10.44 20.80
CA PRO A 115 -4.48 -10.32 19.37
C PRO A 115 -3.01 -10.41 19.05
N LEU A 116 -2.69 -10.68 17.79
CA LEU A 116 -1.30 -10.77 17.42
C LEU A 116 -1.06 -10.07 16.10
N TYR A 117 -0.08 -9.20 16.10
CA TYR A 117 0.25 -8.43 14.91
C TYR A 117 1.72 -8.56 14.59
N VAL A 118 2.01 -8.71 13.30
CA VAL A 118 3.37 -8.99 12.88
C VAL A 118 3.63 -8.63 11.42
N GLN A 119 4.91 -8.41 11.09
CA GLN A 119 5.33 -8.16 9.70
C GLN A 119 6.05 -9.35 9.12
N ILE A 120 5.96 -9.53 7.81
CA ILE A 120 6.69 -10.60 7.13
C ILE A 120 7.27 -10.12 5.81
N LEU A 121 8.58 -10.24 5.66
CA LEU A 121 9.24 -9.87 4.41
C LEU A 121 8.85 -10.72 3.16
N LYS A 122 9.28 -11.99 3.08
CA LYS A 122 9.09 -12.80 1.87
C LYS A 122 7.70 -13.47 1.80
N PRO A 123 7.09 -13.50 0.59
CA PRO A 123 5.72 -13.99 0.41
C PRO A 123 5.59 -15.47 0.71
N GLU A 124 6.62 -16.17 0.27
CA GLU A 124 6.72 -17.60 0.45
C GLU A 124 6.37 -17.99 1.89
N ASN A 125 6.84 -17.20 2.86
CA ASN A 125 6.69 -17.55 4.27
C ASN A 125 5.34 -17.15 4.88
N LYS A 126 4.56 -16.40 4.11
CA LYS A 126 3.23 -15.97 4.55
C LYS A 126 2.47 -17.17 5.11
N PHE A 127 2.59 -18.27 4.38
CA PHE A 127 1.86 -19.49 4.65
C PHE A 127 2.00 -19.96 6.10
N HIS A 128 3.09 -19.61 6.75
CA HIS A 128 3.39 -20.20 8.06
C HIS A 128 2.59 -19.63 9.19
N VAL A 129 2.47 -18.31 9.26
CA VAL A 129 1.52 -17.78 10.19
C VAL A 129 0.34 -17.36 9.36
N LYS A 130 -0.64 -18.24 9.27
CA LYS A 130 -1.94 -17.86 8.78
C LYS A 130 -2.87 -17.80 9.96
N PHE A 131 -2.39 -18.28 11.10
CA PHE A 131 -3.26 -18.50 12.26
C PHE A 131 -3.45 -17.20 13.01
N ALA A 132 -2.51 -16.29 12.82
CA ALA A 132 -2.51 -15.04 13.55
C ALA A 132 -3.64 -14.12 13.11
N ASP A 133 -4.02 -13.22 14.01
CA ASP A 133 -5.03 -12.22 13.77
C ASP A 133 -4.76 -11.51 12.44
N HIS A 134 -3.72 -10.69 12.43
CA HIS A 134 -3.40 -9.89 11.27
C HIS A 134 -1.93 -9.87 10.97
N VAL A 135 -1.67 -9.92 9.68
CA VAL A 135 -0.33 -10.06 9.19
C VAL A 135 -0.15 -9.13 7.99
N VAL A 136 0.91 -8.34 8.00
CA VAL A 136 1.23 -7.50 6.85
C VAL A 136 2.35 -8.13 6.04
N CYS A 137 2.10 -8.36 4.75
CA CYS A 137 3.08 -9.02 3.89
C CYS A 137 3.81 -8.03 2.98
N GLU A 138 5.10 -7.84 3.26
CA GLU A 138 5.87 -6.78 2.63
C GLU A 138 5.95 -6.88 1.11
N GLU A 139 6.69 -7.86 0.61
CA GLU A 139 7.09 -7.87 -0.80
C GLU A 139 5.85 -7.78 -1.71
N GLU A 140 4.86 -8.64 -1.46
CA GLU A 140 3.67 -8.73 -2.31
C GLU A 140 3.10 -7.33 -2.53
N CYS A 141 2.90 -6.61 -1.42
CA CYS A 141 2.35 -5.27 -1.47
C CYS A 141 3.31 -4.29 -2.14
N LYS A 142 4.58 -4.32 -1.75
CA LYS A 142 5.59 -3.49 -2.41
C LYS A 142 5.46 -3.61 -3.95
N TYR A 143 5.82 -4.77 -4.47
CA TYR A 143 5.81 -4.99 -5.92
C TYR A 143 4.42 -4.68 -6.49
N ALA A 144 3.37 -5.03 -5.75
CA ALA A 144 2.00 -4.76 -6.21
C ALA A 144 1.76 -3.27 -6.46
N MET A 145 1.94 -2.48 -5.42
CA MET A 145 1.75 -1.04 -5.52
C MET A 145 2.50 -0.53 -6.70
N LEU A 146 3.80 -0.82 -6.69
CA LEU A 146 4.65 -0.22 -7.69
C LEU A 146 4.20 -0.69 -9.06
N ALA A 147 3.74 -1.94 -9.11
CA ALA A 147 3.25 -2.51 -10.36
C ALA A 147 2.08 -1.67 -10.87
N LEU A 148 1.08 -1.43 -10.03
CA LEU A 148 -0.09 -0.69 -10.48
C LEU A 148 0.27 0.76 -10.84
N ASN A 149 1.45 1.20 -10.42
CA ASN A 149 1.93 2.53 -10.77
C ASN A 149 2.11 2.68 -12.28
N CYS A 150 2.06 1.57 -13.02
CA CYS A 150 2.28 1.61 -14.47
C CYS A 150 1.00 1.78 -15.30
N VAL A 151 -0.16 1.68 -14.66
CA VAL A 151 -1.41 1.98 -15.33
C VAL A 151 -1.75 3.46 -15.08
N CYS A 152 -2.20 3.77 -13.85
CA CYS A 152 -2.35 5.15 -13.39
C CYS A 152 -1.12 5.68 -12.59
N PRO A 153 -0.84 7.00 -12.64
CA PRO A 153 0.30 7.58 -11.89
C PRO A 153 -0.01 7.84 -10.42
N ALA A 154 1.03 7.81 -9.59
CA ALA A 154 0.90 8.17 -8.17
C ALA A 154 -0.07 7.27 -7.40
N THR A 155 -0.16 6.01 -7.82
CA THR A 155 -0.95 5.04 -7.09
C THR A 155 -0.55 5.12 -5.63
N SER A 156 0.75 5.16 -5.41
CA SER A 156 1.31 5.07 -4.07
C SER A 156 0.75 6.14 -3.14
N THR A 157 1.11 7.39 -3.42
CA THR A 157 0.86 8.51 -2.52
C THR A 157 -0.61 8.46 -2.06
N LEU A 158 -1.51 8.18 -3.00
CA LEU A 158 -2.93 8.02 -2.72
C LEU A 158 -3.17 7.16 -1.47
N ILE A 159 -2.81 5.88 -1.61
CA ILE A 159 -3.03 4.92 -0.56
C ILE A 159 -2.34 5.38 0.73
N THR A 160 -1.10 5.79 0.62
CA THR A 160 -0.38 6.20 1.84
C THR A 160 -1.17 7.23 2.63
N LEU A 161 -1.58 8.30 1.96
CA LEU A 161 -2.28 9.39 2.64
C LEU A 161 -3.64 8.93 3.16
N LEU A 162 -4.26 7.99 2.46
CA LEU A 162 -5.47 7.37 3.02
C LEU A 162 -5.25 6.81 4.42
N VAL A 163 -4.18 6.05 4.60
CA VAL A 163 -3.96 5.30 5.84
C VAL A 163 -3.32 6.18 6.90
N HIS A 164 -3.15 7.45 6.61
CA HIS A 164 -2.60 8.36 7.60
C HIS A 164 -3.61 9.38 8.11
N THR A 165 -3.70 9.42 9.43
CA THR A 165 -4.67 10.23 10.11
C THR A 165 -4.23 11.69 10.11
N SER A 166 -5.16 12.59 9.77
CA SER A 166 -4.91 14.00 10.02
C SER A 166 -6.20 14.82 10.06
N ARG A 167 -6.09 15.99 10.66
CA ARG A 167 -7.23 16.84 10.94
C ARG A 167 -7.49 17.84 9.82
N GLY A 168 -6.69 17.74 8.75
CA GLY A 168 -6.64 18.79 7.76
C GLY A 168 -5.87 19.95 8.36
N GLN A 169 -5.05 19.65 9.36
CA GLN A 169 -4.22 20.64 10.05
C GLN A 169 -3.34 21.38 9.05
N GLU A 170 -3.05 20.74 7.92
CA GLU A 170 -1.99 21.19 7.03
C GLU A 170 -2.48 22.04 5.84
N GLY A 171 -3.79 22.22 5.71
CA GLY A 171 -4.35 22.92 4.56
C GLY A 171 -4.52 24.42 4.75
N GLN A 172 -4.31 24.88 5.97
CA GLN A 172 -4.61 26.27 6.36
C GLN A 172 -3.40 27.23 6.25
N GLU A 173 -2.27 26.73 5.73
CA GLU A 173 -1.04 27.51 5.72
C GLU A 173 -1.07 28.65 4.70
N SER A 174 -1.99 28.53 3.73
CA SER A 174 -2.23 29.55 2.70
C SER A 174 -0.97 30.15 2.11
N PRO A 175 0.01 29.31 1.75
CA PRO A 175 1.13 29.88 0.99
C PRO A 175 0.71 30.19 -0.44
N GLU A 176 -0.14 29.32 -1.00
CA GLU A 176 -0.44 29.31 -2.42
C GLU A 176 -1.85 28.78 -2.64
N GLN A 177 -2.19 28.47 -3.88
CA GLN A 177 -3.52 27.97 -4.21
C GLN A 177 -3.64 26.46 -4.15
N TRP A 178 -2.91 25.79 -5.04
CA TRP A 178 -2.94 24.34 -5.07
C TRP A 178 -2.75 23.76 -3.68
N GLN A 179 -1.60 24.06 -3.10
CA GLN A 179 -1.11 23.44 -1.87
C GLN A 179 -2.11 23.60 -0.76
N ARG A 180 -2.69 24.80 -0.74
CA ARG A 180 -3.79 25.10 0.14
C ARG A 180 -4.84 23.99 0.03
N MET A 181 -5.19 23.63 -1.20
CA MET A 181 -6.19 22.59 -1.46
C MET A 181 -5.59 21.19 -1.31
N TYR A 182 -4.30 21.08 -1.62
CA TYR A 182 -3.61 19.80 -1.62
C TYR A 182 -3.59 19.22 -0.22
N GLY A 183 -3.05 20.00 0.71
CA GLY A 183 -2.95 19.54 2.08
C GLY A 183 -4.30 19.40 2.74
N ARG A 184 -5.23 20.26 2.35
CA ARG A 184 -6.54 20.27 2.97
C ARG A 184 -7.12 18.87 2.97
N CYS A 185 -6.95 18.18 1.86
CA CYS A 185 -7.62 16.91 1.67
C CYS A 185 -6.73 15.74 2.10
N SER A 186 -5.59 16.07 2.70
CA SER A 186 -4.70 15.06 3.25
C SER A 186 -5.35 14.29 4.40
N GLY A 187 -5.86 15.04 5.39
CA GLY A 187 -6.40 14.42 6.58
C GLY A 187 -7.48 13.43 6.24
N ASN A 188 -7.91 13.48 4.98
CA ASN A 188 -8.92 12.60 4.48
C ASN A 188 -8.57 11.17 4.78
N GLU A 189 -9.61 10.39 5.06
CA GLU A 189 -9.44 9.09 5.70
C GLU A 189 -10.64 8.16 5.42
N VAL A 190 -10.45 6.87 5.65
CA VAL A 190 -11.51 5.85 5.50
C VAL A 190 -12.17 5.56 6.84
N TYR A 191 -13.49 5.31 6.85
CA TYR A 191 -14.15 5.05 8.12
C TYR A 191 -15.18 3.91 8.10
N HIS A 192 -15.72 3.62 9.29
CA HIS A 192 -16.58 2.47 9.55
C HIS A 192 -17.94 2.88 10.08
N ILE A 193 -18.96 2.78 9.25
CA ILE A 193 -20.32 2.81 9.75
C ILE A 193 -21.09 1.75 9.03
N ARG A 194 -21.80 1.00 9.83
CA ARG A 194 -22.59 -0.07 9.35
C ARG A 194 -23.92 0.09 10.02
N MET A 195 -23.85 -0.03 11.33
CA MET A 195 -25.00 -0.32 12.15
C MET A 195 -26.00 0.80 12.26
N GLY A 196 -27.23 0.39 12.56
CA GLY A 196 -28.33 1.30 12.75
C GLY A 196 -28.37 2.29 11.61
N ASP A 197 -28.69 3.51 11.98
CA ASP A 197 -28.74 4.60 11.03
C ASP A 197 -27.87 5.71 11.61
N SER A 198 -27.56 6.69 10.77
CA SER A 198 -26.83 7.85 11.22
C SER A 198 -27.08 8.96 10.19
N LYS A 199 -26.35 10.07 10.29
CA LYS A 199 -26.55 11.17 9.37
C LYS A 199 -26.61 10.69 7.88
N PHE A 200 -25.72 9.77 7.50
CA PHE A 200 -25.62 9.22 6.13
C PHE A 200 -26.28 7.85 5.78
N PHE A 201 -26.63 7.02 6.76
CA PHE A 201 -26.94 5.63 6.45
C PHE A 201 -28.33 5.43 5.88
N MET A 202 -29.30 6.12 6.48
CA MET A 202 -30.71 5.89 6.19
C MET A 202 -31.12 6.39 4.81
N GLU A 203 -30.36 7.34 4.27
CA GLU A 203 -30.84 8.13 3.14
C GLU A 203 -31.50 7.22 2.14
N TYR A 204 -30.80 6.16 1.79
CA TYR A 204 -31.38 5.11 0.99
C TYR A 204 -31.16 3.81 1.70
N GLU A 205 -32.24 3.23 2.19
CA GLU A 205 -32.22 1.85 2.62
C GLU A 205 -32.49 0.91 1.45
N GLY A 206 -33.46 1.28 0.63
CA GLY A 206 -33.99 0.36 -0.36
C GLY A 206 -33.48 0.48 -1.78
N LYS A 207 -32.86 1.61 -2.12
CA LYS A 207 -32.34 1.79 -3.47
C LYS A 207 -31.00 1.07 -3.59
N SER A 208 -30.43 1.13 -4.78
CA SER A 208 -29.25 0.34 -5.09
C SER A 208 -28.03 0.87 -4.36
N PHE A 209 -26.92 0.16 -4.56
CA PHE A 209 -25.61 0.56 -4.09
C PHE A 209 -25.20 1.91 -4.68
N THR A 210 -25.41 2.04 -5.98
CA THR A 210 -25.07 3.24 -6.72
C THR A 210 -25.73 4.49 -6.14
N TYR A 211 -27.07 4.58 -6.17
CA TYR A 211 -27.79 5.82 -5.84
C TYR A 211 -27.32 6.41 -4.51
N ALA A 212 -26.71 5.58 -3.67
CA ALA A 212 -26.17 6.02 -2.39
C ALA A 212 -25.05 7.05 -2.55
N ALA A 213 -24.04 6.69 -3.31
CA ALA A 213 -22.86 7.55 -3.46
C ALA A 213 -23.17 8.82 -4.27
N PHE A 214 -24.36 8.90 -4.87
CA PHE A 214 -24.77 10.10 -5.62
C PHE A 214 -25.00 11.23 -4.64
N HIS A 215 -26.03 11.05 -3.84
CA HIS A 215 -26.61 12.07 -2.98
C HIS A 215 -25.91 12.13 -1.62
N ALA A 216 -24.86 11.31 -1.48
CA ALA A 216 -23.92 11.41 -0.37
C ALA A 216 -22.98 12.57 -0.61
N HIS A 217 -22.68 12.81 -1.89
CA HIS A 217 -21.85 13.92 -2.29
C HIS A 217 -22.60 15.24 -2.25
N LYS A 218 -23.93 15.18 -2.29
CA LYS A 218 -24.77 16.37 -2.29
C LYS A 218 -24.86 17.04 -0.92
N LYS A 219 -25.22 16.25 0.10
CA LYS A 219 -25.37 16.76 1.45
C LYS A 219 -24.01 16.92 2.12
N TYR A 220 -23.32 15.79 2.28
CA TYR A 220 -22.10 15.69 3.07
C TYR A 220 -20.82 15.79 2.21
N GLY A 221 -20.70 14.94 1.20
CA GLY A 221 -19.46 14.82 0.45
C GLY A 221 -18.76 13.52 0.79
N VAL A 222 -19.50 12.63 1.42
CA VAL A 222 -19.05 11.27 1.67
C VAL A 222 -19.28 10.41 0.43
N CYS A 223 -18.37 9.49 0.16
CA CYS A 223 -18.54 8.49 -0.89
C CYS A 223 -18.18 7.10 -0.42
N LEU A 224 -19.18 6.23 -0.38
CA LEU A 224 -19.00 4.87 0.11
C LEU A 224 -18.19 4.02 -0.85
N ILE A 225 -17.70 2.88 -0.36
CA ILE A 225 -16.92 1.94 -1.17
C ILE A 225 -17.57 0.58 -1.33
N GLY A 226 -17.70 -0.16 -0.23
CA GLY A 226 -18.21 -1.52 -0.32
C GLY A 226 -18.96 -2.02 0.89
N ILE A 227 -19.81 -3.03 0.65
CA ILE A 227 -20.70 -3.54 1.68
C ILE A 227 -20.37 -5.00 1.98
N ARG A 228 -20.01 -5.25 3.23
CA ARG A 228 -19.93 -6.62 3.74
C ARG A 228 -21.32 -7.12 4.08
N ARG A 229 -21.73 -8.19 3.41
CA ARG A 229 -22.94 -8.86 3.81
C ARG A 229 -22.68 -9.35 5.22
N GLU A 230 -23.73 -9.44 6.02
CA GLU A 230 -23.62 -9.94 7.37
C GLU A 230 -23.36 -11.46 7.39
N GLU A 231 -23.40 -12.08 6.22
CA GLU A 231 -23.37 -13.54 6.10
C GLU A 231 -21.97 -14.14 6.34
N ASN A 232 -21.09 -13.99 5.35
CA ASN A 232 -19.74 -14.58 5.32
C ASN A 232 -18.69 -13.57 5.82
N LYS A 233 -19.10 -12.33 6.11
CA LYS A 233 -18.17 -11.28 6.51
C LYS A 233 -17.12 -11.01 5.42
N SER A 234 -17.50 -11.25 4.16
CA SER A 234 -16.61 -10.96 3.03
C SER A 234 -16.75 -9.50 2.62
N ILE A 235 -15.63 -8.86 2.35
CA ILE A 235 -15.64 -7.46 1.94
C ILE A 235 -15.76 -7.35 0.43
N LEU A 236 -16.51 -6.36 -0.02
CA LEU A 236 -16.72 -6.14 -1.44
C LEU A 236 -16.22 -4.76 -1.82
N LEU A 237 -15.76 -4.65 -3.04
CA LEU A 237 -15.40 -3.36 -3.59
C LEU A 237 -16.35 -3.04 -4.70
N ASN A 238 -17.06 -1.94 -4.54
CA ASN A 238 -17.96 -1.49 -5.58
C ASN A 238 -18.88 -2.63 -6.01
N PRO A 239 -19.72 -3.13 -5.08
CA PRO A 239 -20.72 -4.10 -5.53
C PRO A 239 -21.46 -3.55 -6.74
N GLY A 240 -21.86 -4.42 -7.66
CA GLY A 240 -22.37 -3.97 -8.93
C GLY A 240 -23.62 -3.14 -8.72
N PRO A 241 -24.20 -2.62 -9.80
CA PRO A 241 -25.43 -1.83 -9.69
C PRO A 241 -26.63 -2.67 -9.24
N ARG A 242 -26.51 -4.00 -9.33
CA ARG A 242 -27.58 -4.93 -8.94
C ARG A 242 -27.73 -5.05 -7.41
N HIS A 243 -26.63 -4.95 -6.68
CA HIS A 243 -26.65 -5.08 -5.21
C HIS A 243 -27.49 -4.01 -4.54
N ILE A 244 -28.06 -4.34 -3.38
CA ILE A 244 -28.97 -3.45 -2.68
C ILE A 244 -28.46 -3.29 -1.25
N MET A 245 -28.99 -2.30 -0.54
CA MET A 245 -28.62 -2.06 0.84
C MET A 245 -29.77 -2.37 1.77
N ALA A 246 -29.42 -2.66 3.01
CA ALA A 246 -30.41 -2.89 4.05
C ALA A 246 -30.22 -1.88 5.16
N ALA A 247 -31.00 -2.03 6.23
CA ALA A 247 -30.84 -1.23 7.44
C ALA A 247 -29.62 -1.71 8.22
N SER A 248 -29.47 -3.04 8.29
CA SER A 248 -28.24 -3.61 8.81
C SER A 248 -27.46 -4.22 7.65
N ASP A 249 -26.46 -3.49 7.20
CA ASP A 249 -25.48 -3.91 6.21
C ASP A 249 -24.32 -2.95 6.37
N THR A 250 -23.13 -3.33 5.90
CA THR A 250 -21.90 -2.58 6.18
C THR A 250 -21.66 -1.41 5.19
N CYS A 251 -21.39 -0.19 5.70
CA CYS A 251 -20.99 0.90 4.80
C CYS A 251 -19.51 1.18 5.04
N PHE A 252 -18.71 1.09 3.99
CA PHE A 252 -17.36 1.64 4.06
C PHE A 252 -17.30 2.84 3.15
N TYR A 253 -16.69 3.89 3.66
CA TYR A 253 -16.77 5.18 3.03
C TYR A 253 -15.58 6.01 3.40
N ILE A 254 -15.35 7.03 2.58
CA ILE A 254 -14.26 7.94 2.82
C ILE A 254 -14.82 9.31 3.15
N ASN A 255 -14.11 10.02 4.04
CA ASN A 255 -14.47 11.39 4.36
C ASN A 255 -13.29 12.04 5.06
N ILE A 256 -13.41 13.33 5.35
CA ILE A 256 -12.35 14.03 6.06
C ILE A 256 -12.51 13.79 7.56
N THR A 257 -13.75 13.52 7.97
CA THR A 257 -14.05 13.26 9.38
C THR A 257 -15.16 12.21 9.52
N LYS A 258 -15.08 11.45 10.61
CA LYS A 258 -16.03 10.38 10.89
C LYS A 258 -17.46 10.90 10.95
N GLU A 259 -18.42 10.05 10.59
CA GLU A 259 -19.82 10.46 10.48
C GLU A 259 -20.42 10.96 11.79
N GLU A 260 -19.94 10.37 12.89
CA GLU A 260 -20.45 10.69 14.22
C GLU A 260 -20.06 12.12 14.64
N ASN A 261 -18.82 12.50 14.39
CA ASN A 261 -18.23 13.74 14.91
C ASN A 261 -18.77 15.09 14.29
N SER A 262 -19.16 15.12 13.02
CA SER A 262 -19.59 16.38 12.35
C SER A 262 -20.92 16.93 12.84
N TYR A 419 15.44 -8.15 -31.56
CA TYR A 419 14.02 -8.21 -31.26
C TYR A 419 13.50 -6.82 -30.96
N GLY A 420 12.64 -6.33 -31.85
CA GLY A 420 11.95 -5.07 -31.67
C GLY A 420 10.49 -5.29 -31.33
N PHE A 421 9.74 -4.24 -30.95
CA PHE A 421 8.43 -4.38 -30.27
C PHE A 421 7.40 -3.30 -30.67
N LYS A 422 6.24 -3.27 -30.01
CA LYS A 422 5.18 -2.30 -30.36
C LYS A 422 4.91 -1.18 -29.35
N ASN A 423 4.21 -1.50 -28.27
CA ASN A 423 3.69 -0.48 -27.36
C ASN A 423 4.81 0.05 -26.49
N LYS A 424 4.45 0.92 -25.54
CA LYS A 424 5.44 1.38 -24.57
C LYS A 424 5.90 0.19 -23.74
N LEU A 425 7.18 0.23 -23.35
CA LEU A 425 7.79 -0.86 -22.60
C LEU A 425 8.19 -0.39 -21.24
N ILE A 426 8.30 -1.33 -20.32
CA ILE A 426 8.75 -0.98 -19.00
C ILE A 426 9.82 -1.94 -18.56
N ILE A 427 10.70 -1.39 -17.76
CA ILE A 427 11.94 -2.03 -17.41
C ILE A 427 12.08 -2.08 -15.91
N VAL A 428 12.33 -3.29 -15.39
CA VAL A 428 12.48 -3.45 -13.95
C VAL A 428 13.85 -3.92 -13.52
N SER A 429 14.36 -3.28 -12.48
CA SER A 429 15.55 -3.79 -11.81
C SER A 429 15.32 -4.12 -10.36
N ALA A 430 16.00 -5.17 -9.93
CA ALA A 430 15.97 -5.63 -8.55
C ALA A 430 17.23 -6.41 -8.26
N GLU A 431 17.49 -6.64 -6.98
CA GLU A 431 18.69 -7.37 -6.57
C GLU A 431 18.48 -8.83 -6.97
N THR A 432 17.52 -9.51 -6.36
CA THR A 432 17.29 -10.91 -6.67
C THR A 432 15.83 -11.16 -7.06
N ALA A 433 15.63 -12.11 -7.95
CA ALA A 433 14.30 -12.60 -8.24
C ALA A 433 13.83 -13.43 -7.06
N GLY A 434 12.52 -13.53 -6.88
CA GLY A 434 11.97 -14.35 -5.82
C GLY A 434 10.49 -14.56 -6.07
N ASN A 435 9.79 -15.26 -5.18
CA ASN A 435 8.33 -15.41 -5.31
C ASN A 435 7.79 -13.95 -5.29
N GLY A 436 8.63 -12.95 -4.95
CA GLY A 436 8.24 -11.54 -5.02
C GLY A 436 7.66 -11.03 -6.33
N LEU A 437 8.35 -11.28 -7.43
CA LEU A 437 7.96 -10.64 -8.68
C LEU A 437 6.82 -11.37 -9.38
N TYR A 438 6.62 -12.65 -9.05
CA TYR A 438 5.48 -13.44 -9.56
C TYR A 438 4.27 -12.54 -9.37
N ASN A 439 4.24 -11.87 -8.23
CA ASN A 439 3.12 -11.03 -7.87
C ASN A 439 3.33 -9.62 -8.33
N PHE A 440 4.55 -9.29 -8.74
CA PHE A 440 4.75 -8.03 -9.39
C PHE A 440 3.89 -8.03 -10.63
N ILE A 441 3.90 -9.14 -11.34
CA ILE A 441 3.39 -9.16 -12.70
C ILE A 441 1.89 -9.41 -12.79
N VAL A 442 1.28 -9.90 -11.71
CA VAL A 442 -0.13 -10.26 -11.75
C VAL A 442 -0.98 -9.15 -12.31
N PRO A 443 -0.93 -7.96 -11.71
CA PRO A 443 -1.87 -6.92 -12.10
C PRO A 443 -1.66 -6.38 -13.51
N LEU A 444 -0.45 -6.56 -14.02
CA LEU A 444 -0.10 -6.05 -15.35
C LEU A 444 -1.00 -6.66 -16.41
N ARG A 445 -0.87 -7.95 -16.67
CA ARG A 445 -1.83 -8.63 -17.53
C ARG A 445 -2.68 -9.60 -16.73
N ALA A 446 -3.86 -9.10 -16.41
CA ALA A 446 -4.84 -9.79 -15.62
C ALA A 446 -5.86 -10.39 -16.56
N TYR A 447 -6.99 -10.76 -15.99
CA TYR A 447 -8.17 -11.01 -16.79
C TYR A 447 -8.78 -9.69 -17.33
N TYR A 448 -9.27 -8.81 -16.45
CA TYR A 448 -10.02 -7.60 -16.86
C TYR A 448 -9.31 -6.76 -17.89
N ARG A 449 -7.98 -6.83 -17.88
CA ARG A 449 -7.14 -6.04 -18.78
C ARG A 449 -7.19 -6.57 -20.22
N SER A 450 -7.21 -5.65 -21.20
CA SER A 450 -7.36 -6.03 -22.61
C SER A 450 -6.06 -6.58 -23.19
N ARG A 451 -6.11 -7.11 -24.42
CA ARG A 451 -4.90 -7.63 -25.07
C ARG A 451 -4.35 -6.60 -26.07
N LYS A 452 -4.98 -5.43 -26.14
CA LYS A 452 -4.50 -4.33 -26.95
C LYS A 452 -3.41 -3.56 -26.20
N GLU A 453 -3.75 -3.09 -25.01
CA GLU A 453 -2.91 -2.15 -24.27
C GLU A 453 -1.76 -2.75 -23.43
N LEU A 454 -1.51 -4.06 -23.51
CA LEU A 454 -0.46 -4.71 -22.70
C LEU A 454 0.90 -4.02 -22.79
N ASN A 455 1.66 -4.08 -21.71
CA ASN A 455 2.96 -3.44 -21.68
C ASN A 455 4.05 -4.46 -21.44
N PRO A 456 4.57 -5.01 -22.54
CA PRO A 456 5.60 -6.03 -22.39
C PRO A 456 6.68 -5.53 -21.45
N ILE A 457 7.20 -6.43 -20.62
CA ILE A 457 8.07 -6.03 -19.53
C ILE A 457 9.40 -6.75 -19.50
N VAL A 458 10.45 -5.98 -19.31
CA VAL A 458 11.80 -6.52 -19.33
C VAL A 458 12.36 -6.67 -17.93
N LEU A 459 12.92 -7.84 -17.64
CA LEU A 459 13.56 -8.01 -16.35
C LEU A 459 15.07 -7.95 -16.40
N LEU A 460 15.55 -6.96 -15.65
CA LEU A 460 16.97 -6.68 -15.48
C LEU A 460 17.37 -6.93 -14.05
N LEU A 461 18.15 -7.97 -13.81
CA LEU A 461 18.64 -8.23 -12.48
C LEU A 461 20.15 -8.29 -12.45
N ASP A 462 20.70 -8.34 -11.23
CA ASP A 462 22.13 -8.49 -11.04
C ASP A 462 22.53 -9.95 -11.20
N ASN A 463 21.80 -10.80 -10.48
CA ASN A 463 22.08 -12.23 -10.42
C ASN A 463 21.19 -12.96 -11.41
N LYS A 464 21.73 -13.99 -12.04
CA LYS A 464 21.01 -14.73 -13.05
C LYS A 464 19.66 -15.17 -12.50
N PRO A 465 18.62 -15.10 -13.33
CA PRO A 465 17.33 -15.60 -12.86
C PRO A 465 17.45 -17.02 -12.32
N GLU A 466 16.93 -17.25 -11.12
CA GLU A 466 16.94 -18.58 -10.48
C GLU A 466 16.01 -19.54 -11.21
N HIS A 467 16.18 -20.83 -10.96
CA HIS A 467 15.40 -21.84 -11.65
C HIS A 467 13.88 -21.63 -11.51
N HIS A 468 13.37 -21.56 -10.28
CA HIS A 468 11.91 -21.49 -10.03
C HIS A 468 11.20 -20.35 -10.77
N PHE A 469 11.85 -19.21 -10.82
CA PHE A 469 11.34 -18.07 -11.53
C PHE A 469 10.89 -18.43 -12.95
N LEU A 470 11.70 -19.24 -13.63
CA LEU A 470 11.43 -19.69 -15.01
C LEU A 470 10.13 -20.49 -15.13
N GLU A 471 9.97 -21.53 -14.32
CA GLU A 471 8.73 -22.33 -14.34
C GLU A 471 7.56 -21.42 -13.96
N ALA A 472 7.82 -20.48 -13.05
CA ALA A 472 6.78 -19.57 -12.56
C ALA A 472 6.27 -18.58 -13.60
N ILE A 473 7.18 -17.94 -14.35
CA ILE A 473 6.78 -16.90 -15.29
C ILE A 473 6.44 -17.36 -16.75
N CYS A 474 6.75 -18.61 -17.11
CA CYS A 474 6.60 -19.08 -18.52
C CYS A 474 5.14 -19.10 -19.00
N CYS A 475 4.20 -19.06 -18.05
CA CYS A 475 2.75 -18.99 -18.34
C CYS A 475 2.42 -17.75 -19.22
N PHE A 476 2.67 -16.57 -18.67
CA PHE A 476 2.28 -15.30 -19.28
C PHE A 476 2.80 -15.13 -20.69
N PRO A 477 2.14 -14.28 -21.48
CA PRO A 477 2.94 -13.81 -22.63
C PRO A 477 3.80 -12.57 -22.25
N MET A 478 4.69 -12.16 -23.16
CA MET A 478 5.42 -10.87 -23.12
C MET A 478 6.37 -10.48 -21.96
N VAL A 479 7.51 -11.15 -21.83
CA VAL A 479 8.63 -10.67 -21.01
C VAL A 479 9.94 -11.24 -21.51
N TYR A 480 11.05 -10.64 -21.10
CA TYR A 480 12.35 -11.23 -21.39
C TYR A 480 13.40 -10.99 -20.33
N TYR A 481 14.55 -11.59 -20.61
CA TYR A 481 15.73 -11.45 -19.82
C TYR A 481 16.72 -10.52 -20.40
N MET A 482 17.17 -9.59 -19.58
CA MET A 482 18.44 -8.92 -19.84
C MET A 482 19.10 -8.68 -18.48
N GLU A 483 20.44 -8.56 -18.47
CA GLU A 483 21.20 -8.58 -17.22
C GLU A 483 22.14 -7.37 -17.08
N GLY A 484 22.59 -7.12 -15.86
CA GLY A 484 23.33 -5.92 -15.51
C GLY A 484 22.50 -4.96 -14.66
N THR A 485 23.17 -4.11 -13.88
CA THR A 485 22.49 -3.15 -13.00
C THR A 485 22.13 -1.89 -13.79
N ILE A 486 21.71 -0.84 -13.09
CA ILE A 486 21.58 0.44 -13.73
C ILE A 486 22.81 1.23 -13.39
N ASP A 487 23.80 1.14 -14.27
CA ASP A 487 25.00 1.94 -14.20
C ASP A 487 25.30 2.31 -15.63
N ASN A 488 25.66 1.26 -16.39
CA ASN A 488 26.06 1.37 -17.78
C ASN A 488 24.94 2.00 -18.61
N LEU A 489 25.27 3.04 -19.37
CA LEU A 489 24.38 3.55 -20.39
C LEU A 489 24.00 2.39 -21.30
N ASP A 490 25.01 1.60 -21.66
CA ASP A 490 24.89 0.52 -22.63
C ASP A 490 23.91 -0.59 -22.12
N SER A 491 24.12 -1.05 -20.88
CA SER A 491 23.27 -2.09 -20.27
C SER A 491 21.79 -1.70 -20.32
N LEU A 492 21.52 -0.40 -20.24
CA LEU A 492 20.17 0.14 -20.39
C LEU A 492 19.72 0.31 -21.84
N LEU A 493 20.63 0.75 -22.72
CA LEU A 493 20.30 0.93 -24.13
C LEU A 493 19.94 -0.38 -24.87
N GLN A 494 20.65 -1.49 -24.57
CA GLN A 494 20.36 -2.78 -25.24
C GLN A 494 18.86 -3.11 -25.23
N CYS A 495 18.20 -2.67 -24.17
CA CYS A 495 16.81 -2.97 -23.87
C CYS A 495 15.84 -2.09 -24.64
N GLY A 496 16.31 -0.91 -25.04
CA GLY A 496 15.44 0.14 -25.52
C GLY A 496 14.71 1.00 -24.48
N ILE A 497 15.44 1.55 -23.51
CA ILE A 497 14.88 2.53 -22.59
C ILE A 497 14.30 3.73 -23.34
N ILE A 498 14.79 3.98 -24.55
CA ILE A 498 14.31 5.06 -25.39
C ILE A 498 12.88 4.79 -25.90
N TYR A 499 12.70 3.64 -26.53
CA TYR A 499 11.38 3.18 -26.99
C TYR A 499 10.43 3.11 -25.80
N ALA A 500 10.98 2.74 -24.65
CA ALA A 500 10.21 2.41 -23.45
C ALA A 500 9.57 3.66 -22.85
N ASP A 501 8.86 3.47 -21.74
CA ASP A 501 8.24 4.59 -21.03
C ASP A 501 8.65 4.72 -19.56
N ASN A 502 8.07 3.87 -18.69
CA ASN A 502 8.23 4.04 -17.24
C ASN A 502 9.39 3.23 -16.70
N LEU A 503 10.15 3.83 -15.78
CA LEU A 503 11.28 3.12 -15.17
C LEU A 503 11.05 2.56 -13.77
N VAL A 504 11.30 1.27 -13.59
CA VAL A 504 11.14 0.66 -12.27
C VAL A 504 12.42 0.12 -11.67
N VAL A 505 12.74 0.63 -10.48
CA VAL A 505 13.93 0.19 -9.77
C VAL A 505 13.62 -0.10 -8.32
N VAL A 506 13.95 -1.31 -7.88
CA VAL A 506 13.89 -1.64 -6.47
C VAL A 506 15.18 -2.30 -6.02
N ASP A 507 15.96 -1.58 -5.22
CA ASP A 507 17.28 -2.07 -4.91
C ASP A 507 17.63 -1.74 -3.49
N LYS A 508 18.86 -2.07 -3.12
CA LYS A 508 19.36 -1.86 -1.78
C LYS A 508 20.79 -2.38 -1.61
N GLU A 509 21.47 -1.95 -0.55
CA GLU A 509 22.82 -2.44 -0.16
C GLU A 509 22.93 -2.89 1.33
N SER A 510 23.54 -4.05 1.55
CA SER A 510 23.67 -4.63 2.89
C SER A 510 24.97 -4.21 3.61
N GLU A 515 27.36 1.76 10.07
CA GLU A 515 27.63 3.15 10.41
C GLU A 515 26.33 3.93 10.60
N GLU A 516 26.23 5.07 9.91
CA GLU A 516 25.04 5.92 9.92
C GLU A 516 23.88 5.18 9.27
N ASP A 517 22.67 5.67 9.47
CA ASP A 517 21.46 4.94 9.12
C ASP A 517 20.80 5.34 7.80
N TYR A 518 20.22 6.54 7.71
CA TYR A 518 19.52 6.96 6.49
C TYR A 518 20.42 6.72 5.27
N MET A 519 21.72 6.88 5.50
CA MET A 519 22.75 6.79 4.48
C MET A 519 22.63 5.58 3.57
N ALA A 520 22.29 4.43 4.15
CA ALA A 520 22.32 3.18 3.41
C ALA A 520 21.36 3.24 2.21
N ASP A 521 20.54 4.29 2.12
CA ASP A 521 19.65 4.44 0.96
C ASP A 521 20.34 5.13 -0.23
N ALA A 522 21.61 5.49 -0.07
CA ALA A 522 22.30 6.31 -1.06
C ALA A 522 22.45 5.61 -2.41
N LYS A 523 22.95 4.39 -2.37
CA LYS A 523 23.44 3.69 -3.56
C LYS A 523 22.47 3.86 -4.70
N THR A 524 21.19 3.92 -4.36
CA THR A 524 20.15 4.10 -5.34
C THR A 524 19.90 5.56 -5.75
N ILE A 525 19.89 6.48 -4.78
CA ILE A 525 19.52 7.86 -5.08
C ILE A 525 20.28 8.28 -6.30
N VAL A 526 21.58 8.03 -6.19
CA VAL A 526 22.55 8.45 -7.16
C VAL A 526 22.21 7.88 -8.52
N ASN A 527 22.30 6.56 -8.67
CA ASN A 527 22.13 5.93 -9.98
C ASN A 527 20.95 6.56 -10.68
N VAL A 528 19.91 6.81 -9.91
CA VAL A 528 18.71 7.38 -10.44
C VAL A 528 18.93 8.78 -10.97
N GLN A 529 19.52 9.64 -10.14
CA GLN A 529 19.51 11.08 -10.39
C GLN A 529 19.98 11.41 -11.79
N THR A 530 21.03 10.73 -12.22
CA THR A 530 21.59 10.92 -13.54
C THR A 530 20.47 10.96 -14.55
N MET A 531 19.58 9.97 -14.43
CA MET A 531 18.53 9.75 -15.39
C MET A 531 17.62 10.95 -15.51
N PHE A 532 17.46 11.68 -14.41
CA PHE A 532 16.60 12.85 -14.41
C PHE A 532 17.09 13.79 -15.49
N ARG A 533 18.42 13.94 -15.58
CA ARG A 533 19.06 14.85 -16.51
C ARG A 533 19.24 14.32 -17.93
N LEU A 534 19.33 13.00 -18.08
CA LEU A 534 19.54 12.38 -19.38
C LEU A 534 18.27 12.39 -20.22
N PHE A 535 17.12 12.32 -19.54
CA PHE A 535 15.84 12.20 -20.22
C PHE A 535 14.74 13.03 -19.53
N PRO A 536 14.63 14.33 -19.87
CA PRO A 536 13.65 15.27 -19.28
C PRO A 536 12.20 14.95 -19.67
N SER A 537 12.06 14.10 -20.70
CA SER A 537 10.76 13.63 -21.19
C SER A 537 10.37 12.32 -20.50
N LEU A 538 11.16 11.90 -19.52
CA LEU A 538 11.05 10.56 -18.94
C LEU A 538 10.42 10.54 -17.54
N SER A 539 9.72 9.44 -17.23
CA SER A 539 9.11 9.20 -15.91
C SER A 539 9.59 7.90 -15.24
N ILE A 540 9.90 8.02 -13.95
CA ILE A 540 10.58 6.95 -13.25
C ILE A 540 9.94 6.77 -11.87
N ILE A 541 10.16 5.61 -11.24
CA ILE A 541 9.75 5.43 -9.85
C ILE A 541 10.80 4.71 -9.01
N THR A 542 10.67 4.83 -7.69
CA THR A 542 11.78 4.54 -6.78
C THR A 542 11.41 4.02 -5.39
N GLU A 543 12.29 3.25 -4.75
CA GLU A 543 12.05 2.84 -3.36
C GLU A 543 13.19 2.95 -2.36
N LEU A 544 12.98 3.84 -1.40
CA LEU A 544 13.87 4.04 -0.26
C LEU A 544 13.40 3.23 0.95
N THR A 545 13.95 3.58 2.11
CA THR A 545 13.39 3.17 3.38
C THR A 545 13.04 4.41 4.21
N HIS A 546 14.02 5.24 4.52
CA HIS A 546 13.82 6.31 5.48
C HIS A 546 12.98 7.46 4.96
N PRO A 547 11.76 7.64 5.53
CA PRO A 547 10.78 8.65 5.10
C PRO A 547 11.15 10.03 5.58
N SER A 548 12.38 10.37 5.31
CA SER A 548 12.98 11.64 5.66
C SER A 548 13.61 12.12 4.38
N ASN A 549 14.41 11.22 3.82
CA ASN A 549 15.19 11.46 2.64
C ASN A 549 14.43 11.77 1.33
N MET A 550 13.11 11.66 1.37
CA MET A 550 12.31 11.70 0.15
C MET A 550 12.67 12.82 -0.81
N ARG A 551 12.58 14.05 -0.32
CA ARG A 551 12.69 15.23 -1.16
C ARG A 551 14.09 15.39 -1.71
N PHE A 552 15.00 14.51 -1.29
CA PHE A 552 16.39 14.68 -1.64
C PHE A 552 16.58 14.15 -3.05
N MET A 553 15.45 13.87 -3.70
CA MET A 553 15.40 13.17 -4.95
C MET A 553 15.70 13.94 -6.23
N GLN A 554 14.70 14.65 -6.73
CA GLN A 554 14.85 15.30 -8.00
C GLN A 554 14.96 16.76 -7.70
N PHE A 555 16.16 17.25 -7.85
CA PHE A 555 16.44 18.57 -7.36
C PHE A 555 17.19 19.30 -8.42
N ARG A 556 16.90 20.58 -8.53
CA ARG A 556 17.48 21.38 -9.58
C ARG A 556 18.29 22.50 -8.92
N ALA A 557 19.28 23.03 -9.63
CA ALA A 557 20.14 24.09 -9.08
C ALA A 557 19.28 25.21 -8.51
N LYS A 558 18.36 25.70 -9.35
CA LYS A 558 17.41 26.73 -8.96
C LYS A 558 15.94 26.33 -9.21
N ASP A 559 15.18 26.25 -8.12
CA ASP A 559 13.72 26.18 -8.18
C ASP A 559 13.16 26.97 -7.01
N SER A 560 12.15 27.80 -7.28
CA SER A 560 11.53 28.57 -6.21
C SER A 560 10.59 27.68 -5.40
N TYR A 561 9.73 26.92 -6.09
CA TYR A 561 8.82 26.01 -5.42
C TYR A 561 9.64 25.00 -4.61
N SER A 562 10.48 24.25 -5.34
CA SER A 562 11.19 23.07 -4.81
C SER A 562 12.06 23.40 -3.60
N LEU A 563 12.70 24.55 -3.63
CA LEU A 563 13.47 25.01 -2.50
C LEU A 563 12.56 25.61 -1.42
N ALA A 564 11.62 26.46 -1.81
CA ALA A 564 10.74 27.12 -0.84
C ALA A 564 9.82 26.15 -0.11
N LEU A 565 9.75 24.91 -0.59
CA LEU A 565 9.09 23.84 0.17
C LEU A 565 9.70 23.58 1.55
N SER A 566 11.03 23.70 1.66
CA SER A 566 11.74 23.45 2.92
C SER A 566 11.06 24.13 4.11
N LYS A 567 11.01 25.45 4.05
CA LYS A 567 10.38 26.24 5.10
C LYS A 567 8.96 25.74 5.44
N LEU A 568 8.19 25.35 4.42
CA LEU A 568 6.81 24.88 4.62
C LEU A 568 6.77 23.55 5.40
N GLU A 569 7.61 22.59 5.01
CA GLU A 569 7.71 21.33 5.77
C GLU A 569 8.18 21.52 7.22
N LYS A 570 9.20 22.35 7.46
CA LYS A 570 9.57 22.65 8.84
C LYS A 570 8.33 23.20 9.58
N LYS A 571 7.70 24.22 8.97
CA LYS A 571 6.51 24.90 9.54
C LYS A 571 5.38 23.92 9.85
N GLU A 572 5.30 22.80 9.14
CA GLU A 572 4.46 21.70 9.61
C GLU A 572 5.06 20.88 10.78
N ARG A 573 6.31 20.41 10.66
CA ARG A 573 6.86 19.51 11.69
C ARG A 573 6.90 20.12 13.10
N GLU A 574 6.99 21.44 13.18
CA GLU A 574 7.00 22.14 14.48
C GLU A 574 5.64 22.33 15.22
N ASN A 575 4.52 22.46 14.49
CA ASN A 575 3.19 22.63 15.11
C ASN A 575 2.74 21.31 15.76
N GLY A 576 2.51 20.29 14.92
CA GLY A 576 2.46 18.90 15.38
C GLY A 576 2.85 18.01 14.21
N SER A 577 3.44 16.85 14.51
CA SER A 577 4.11 16.04 13.47
C SER A 577 3.45 14.69 13.23
N ASN A 578 2.77 14.57 12.09
CA ASN A 578 2.17 13.31 11.66
C ASN A 578 2.80 13.02 10.31
N LEU A 579 2.37 13.81 9.33
CA LEU A 579 2.98 13.81 8.01
C LEU A 579 3.75 15.07 7.80
N ALA A 580 5.07 14.99 7.90
CA ALA A 580 5.89 16.11 7.53
C ALA A 580 6.22 15.99 6.06
N PHE A 581 6.01 14.81 5.52
CA PHE A 581 6.63 14.45 4.27
C PHE A 581 5.73 14.61 3.06
N MET A 582 4.55 15.17 3.27
CA MET A 582 3.61 15.24 2.17
C MET A 582 4.06 16.24 1.10
N PHE A 583 4.16 17.52 1.47
CA PHE A 583 4.26 18.61 0.49
C PHE A 583 5.31 18.45 -0.60
N ARG A 584 6.37 17.72 -0.30
CA ARG A 584 7.56 17.67 -1.15
C ARG A 584 7.25 17.28 -2.60
N LEU A 585 7.94 17.91 -3.54
CA LEU A 585 7.56 17.82 -4.96
C LEU A 585 7.46 16.38 -5.46
N PRO A 586 8.56 15.63 -5.43
CA PRO A 586 8.51 14.35 -6.13
C PRO A 586 7.56 13.39 -5.44
N PHE A 587 7.42 13.52 -4.13
CA PHE A 587 6.56 12.63 -3.37
C PHE A 587 5.13 12.70 -3.89
N ALA A 588 4.61 13.91 -4.01
CA ALA A 588 3.25 14.11 -4.50
C ALA A 588 3.14 13.70 -5.96
N ALA A 589 4.29 13.45 -6.59
CA ALA A 589 4.31 13.06 -7.99
C ALA A 589 4.23 11.56 -8.13
N GLY A 590 4.38 10.86 -7.03
CA GLY A 590 4.34 9.42 -7.07
C GLY A 590 5.62 8.83 -7.60
N ARG A 591 6.53 9.68 -8.03
CA ARG A 591 7.83 9.20 -8.47
C ARG A 591 8.56 8.58 -7.26
N VAL A 592 8.09 8.92 -6.06
CA VAL A 592 8.71 8.45 -4.81
C VAL A 592 7.71 7.67 -3.96
N PHE A 593 8.19 6.61 -3.31
CA PHE A 593 7.42 5.91 -2.29
C PHE A 593 8.38 5.13 -1.37
N SER A 594 7.92 4.75 -0.17
CA SER A 594 8.78 4.04 0.79
C SER A 594 8.10 2.87 1.52
N ILE A 595 8.91 2.06 2.19
CA ILE A 595 8.45 0.84 2.84
C ILE A 595 7.66 1.11 4.13
N SER A 596 8.33 1.66 5.13
CA SER A 596 7.73 1.85 6.46
C SER A 596 6.56 2.82 6.47
N MET A 597 6.25 3.40 5.31
CA MET A 597 5.08 4.27 5.20
C MET A 597 3.77 3.47 5.28
N LEU A 598 3.76 2.26 4.72
CA LEU A 598 2.58 1.42 4.85
C LEU A 598 2.58 0.72 6.20
N ASP A 599 3.75 0.64 6.83
CA ASP A 599 3.89 0.03 8.14
C ASP A 599 2.88 0.63 9.12
N THR A 600 2.64 1.94 8.95
CA THR A 600 1.66 2.67 9.73
C THR A 600 0.36 1.88 9.76
N LEU A 601 0.05 1.32 8.60
CA LEU A 601 -1.15 0.52 8.41
C LEU A 601 -1.26 -0.43 9.59
N LEU A 602 -0.18 -1.13 9.90
CA LEU A 602 -0.24 -2.14 10.94
C LEU A 602 -0.62 -1.53 12.28
N TYR A 603 0.12 -0.50 12.71
CA TYR A 603 -0.20 0.15 13.98
C TYR A 603 -1.67 0.52 14.03
N GLN A 604 -2.10 1.22 13.00
CA GLN A 604 -3.47 1.73 12.96
C GLN A 604 -4.48 0.60 12.94
N SER A 605 -4.11 -0.54 12.36
CA SER A 605 -5.02 -1.68 12.29
C SER A 605 -5.62 -2.02 13.65
N PHE A 606 -4.86 -1.82 14.72
CA PHE A 606 -5.33 -2.21 16.05
C PHE A 606 -6.70 -1.61 16.35
N VAL A 607 -6.95 -0.40 15.87
CA VAL A 607 -8.26 0.22 16.05
C VAL A 607 -9.23 -0.06 14.90
N LYS A 608 -8.73 -0.54 13.76
CA LYS A 608 -9.60 -0.85 12.63
C LYS A 608 -9.25 -2.14 11.93
N ASP A 609 -10.22 -3.05 11.91
CA ASP A 609 -10.01 -4.41 11.43
C ASP A 609 -10.23 -4.53 9.93
N TYR A 610 -10.80 -3.49 9.35
CA TYR A 610 -11.12 -3.49 7.94
C TYR A 610 -10.04 -2.76 7.18
N MET A 611 -8.99 -2.36 7.89
CA MET A 611 -7.99 -1.51 7.30
C MET A 611 -7.03 -2.26 6.38
N ILE A 612 -6.64 -3.46 6.77
CA ILE A 612 -5.67 -4.20 5.97
C ILE A 612 -6.38 -4.83 4.76
N THR A 613 -7.36 -5.69 5.01
CA THR A 613 -8.03 -6.45 3.94
C THR A 613 -8.46 -5.54 2.79
N ILE A 614 -9.00 -4.37 3.13
CA ILE A 614 -9.48 -3.44 2.13
C ILE A 614 -8.38 -3.22 1.11
N THR A 615 -7.16 -3.08 1.62
CA THR A 615 -6.03 -2.64 0.80
C THR A 615 -5.77 -3.60 -0.36
N ARG A 616 -5.52 -4.85 -0.04
CA ARG A 616 -5.15 -5.82 -1.04
C ARG A 616 -6.13 -5.79 -2.20
N LEU A 617 -7.42 -5.89 -1.87
CA LEU A 617 -8.48 -5.92 -2.88
C LEU A 617 -8.36 -4.74 -3.84
N LEU A 618 -7.86 -3.61 -3.35
CA LEU A 618 -7.65 -2.43 -4.18
C LEU A 618 -6.64 -2.71 -5.26
N LEU A 619 -5.53 -3.32 -4.84
CA LEU A 619 -4.38 -3.54 -5.70
C LEU A 619 -4.63 -4.53 -6.83
N GLY A 620 -5.05 -5.72 -6.42
CA GLY A 620 -4.74 -6.93 -7.13
C GLY A 620 -4.74 -7.90 -5.97
N LEU A 621 -3.92 -8.95 -6.04
CA LEU A 621 -3.76 -9.79 -4.85
C LEU A 621 -5.08 -10.55 -4.56
N ASP A 622 -5.68 -10.36 -3.38
CA ASP A 622 -6.89 -11.11 -2.97
C ASP A 622 -8.18 -10.78 -3.75
N THR A 623 -8.76 -11.79 -4.38
CA THR A 623 -10.07 -11.65 -5.01
C THR A 623 -11.00 -12.76 -4.49
N THR A 624 -11.99 -12.38 -3.70
CA THR A 624 -13.13 -13.25 -3.47
C THR A 624 -14.12 -12.83 -4.56
N PRO A 625 -14.94 -13.77 -5.06
CA PRO A 625 -15.52 -13.62 -6.41
C PRO A 625 -16.18 -12.26 -6.69
N GLY A 626 -17.08 -11.79 -5.83
CA GLY A 626 -17.59 -10.43 -5.95
C GLY A 626 -16.53 -9.43 -5.56
N SER A 627 -16.13 -8.59 -6.51
CA SER A 627 -15.07 -7.65 -6.25
C SER A 627 -14.92 -6.73 -7.43
N GLY A 628 -13.95 -5.83 -7.37
CA GLY A 628 -13.71 -4.88 -8.46
C GLY A 628 -12.26 -4.44 -8.64
N TYR A 629 -11.94 -3.94 -9.84
CA TYR A 629 -10.57 -3.55 -10.17
C TYR A 629 -10.43 -2.03 -10.09
N LEU A 630 -9.28 -1.55 -9.62
CA LEU A 630 -8.99 -0.11 -9.63
C LEU A 630 -8.41 0.31 -10.97
N CYS A 631 -9.13 1.20 -11.65
CA CYS A 631 -8.74 1.66 -12.97
C CYS A 631 -8.76 3.18 -12.98
N ALA A 632 -8.13 3.75 -13.99
CA ALA A 632 -8.12 5.19 -14.15
C ALA A 632 -8.55 5.59 -15.55
N MET A 633 -9.00 6.82 -15.67
CA MET A 633 -9.41 7.37 -16.96
C MET A 633 -8.90 8.80 -17.13
N LYS A 634 -8.16 9.03 -18.21
CA LYS A 634 -7.67 10.36 -18.49
C LYS A 634 -8.83 11.29 -18.78
N ILE A 635 -8.61 12.57 -18.58
CA ILE A 635 -9.58 13.57 -18.96
C ILE A 635 -9.05 14.26 -20.19
N THR A 636 -9.98 14.62 -21.08
CA THR A 636 -9.64 15.16 -22.37
C THR A 636 -10.76 16.17 -22.75
N GLU A 637 -10.86 16.57 -24.03
CA GLU A 637 -11.75 17.66 -24.47
C GLU A 637 -13.29 17.38 -24.54
N ASP A 638 -13.71 16.13 -24.78
CA ASP A 638 -15.16 15.77 -24.80
C ASP A 638 -15.75 15.58 -23.36
N ASP A 639 -14.88 15.24 -22.40
CA ASP A 639 -15.21 15.15 -20.97
C ASP A 639 -15.49 16.55 -20.40
N LEU A 640 -14.87 17.55 -21.02
CA LEU A 640 -15.08 18.95 -20.67
C LEU A 640 -16.53 19.37 -21.00
N TRP A 641 -17.28 18.48 -21.68
CA TRP A 641 -18.75 18.56 -21.73
C TRP A 641 -19.24 18.69 -20.27
N ILE A 642 -18.44 18.15 -19.35
CA ILE A 642 -18.65 18.31 -17.92
C ILE A 642 -17.85 19.50 -17.34
N ARG A 643 -18.49 20.19 -16.41
CA ARG A 643 -18.02 21.43 -15.87
C ARG A 643 -16.98 21.07 -14.81
N THR A 644 -17.45 20.29 -13.83
CA THR A 644 -16.73 20.03 -12.59
C THR A 644 -16.82 18.54 -12.12
N TYR A 645 -16.36 18.28 -10.89
CA TYR A 645 -16.26 16.91 -10.29
C TYR A 645 -17.59 16.27 -9.85
N GLY A 646 -18.46 17.09 -9.27
CA GLY A 646 -19.79 16.63 -8.89
C GLY A 646 -20.70 16.35 -10.08
N ARG A 647 -20.79 17.31 -11.01
CA ARG A 647 -21.52 17.15 -12.29
C ARG A 647 -21.02 15.95 -13.08
N LEU A 648 -19.77 15.60 -12.79
CA LEU A 648 -19.12 14.43 -13.36
C LEU A 648 -19.64 13.18 -12.69
N PHE A 649 -19.44 13.11 -11.38
CA PHE A 649 -19.85 11.94 -10.62
C PHE A 649 -21.25 11.49 -11.06
N GLN A 650 -22.23 12.37 -11.19
CA GLN A 650 -23.59 11.91 -11.43
C GLN A 650 -23.88 11.49 -12.87
N LYS A 651 -23.13 12.02 -13.84
CA LYS A 651 -23.25 11.56 -15.22
C LYS A 651 -22.31 10.39 -15.50
N LEU A 652 -21.36 10.15 -14.61
CA LEU A 652 -20.46 8.99 -14.73
C LEU A 652 -21.10 7.65 -14.35
N CYS A 653 -21.75 7.57 -13.18
CA CYS A 653 -22.23 6.28 -12.67
C CYS A 653 -23.67 5.98 -13.11
N SER A 654 -24.25 6.84 -13.95
CA SER A 654 -25.58 6.61 -14.54
C SER A 654 -25.47 5.75 -15.81
N SER A 655 -24.24 5.51 -16.28
CA SER A 655 -23.98 4.63 -17.44
C SER A 655 -23.40 3.26 -17.01
N SER A 656 -22.12 3.22 -16.62
CA SER A 656 -21.52 2.01 -16.06
C SER A 656 -21.46 2.13 -14.53
N ALA A 657 -20.92 1.13 -13.86
CA ALA A 657 -20.74 1.22 -12.41
C ALA A 657 -19.28 1.48 -12.07
N GLU A 658 -19.02 2.71 -11.65
CA GLU A 658 -17.69 3.15 -11.27
C GLU A 658 -17.81 4.27 -10.27
N ILE A 659 -16.93 4.33 -9.29
CA ILE A 659 -16.99 5.36 -8.28
C ILE A 659 -15.66 6.10 -8.35
N PRO A 660 -15.69 7.45 -8.28
CA PRO A 660 -14.39 8.11 -8.17
C PRO A 660 -13.94 8.24 -6.73
N ILE A 661 -12.68 8.64 -6.56
CA ILE A 661 -12.12 8.85 -5.26
C ILE A 661 -11.39 10.18 -5.29
N GLY A 662 -10.24 10.17 -5.95
CA GLY A 662 -9.40 11.35 -6.08
C GLY A 662 -9.34 11.90 -7.49
N ILE A 663 -8.29 12.67 -7.76
CA ILE A 663 -8.06 13.28 -9.07
C ILE A 663 -6.54 13.44 -9.21
N TYR A 664 -6.08 14.09 -10.29
CA TYR A 664 -4.66 14.36 -10.49
C TYR A 664 -4.52 15.65 -11.31
N ARG A 665 -3.50 16.48 -11.04
CA ARG A 665 -3.34 17.78 -11.72
C ARG A 665 -1.89 18.08 -12.14
N THR A 666 -1.70 18.96 -13.14
CA THR A 666 -0.34 19.38 -13.56
C THR A 666 -0.22 20.83 -14.02
N GLU A 667 0.82 21.52 -13.57
CA GLU A 667 1.08 22.93 -13.91
C GLU A 667 2.60 23.08 -14.22
N SER A 668 3.11 24.29 -14.47
CA SER A 668 4.47 24.42 -15.03
C SER A 668 5.54 25.24 -14.26
N HIS A 669 6.81 24.88 -14.44
CA HIS A 669 7.93 25.58 -13.82
C HIS A 669 9.20 25.32 -14.58
N ASN A 670 10.30 18.61 -16.90
CA ASN A 670 9.07 19.04 -17.55
C ASN A 670 8.21 19.88 -16.60
N THR A 671 7.34 19.19 -15.86
CA THR A 671 6.20 19.80 -15.16
C THR A 671 5.85 19.21 -13.74
N LEU A 672 4.95 19.87 -12.97
CA LEU A 672 4.57 19.50 -11.57
C LEU A 672 3.44 18.42 -11.49
N SER A 673 2.92 18.16 -10.28
CA SER A 673 1.87 17.13 -10.07
C SER A 673 1.03 17.28 -8.77
N TYR A 674 -0.11 16.56 -8.68
CA TYR A 674 -0.99 16.58 -7.48
C TYR A 674 -1.77 15.28 -7.26
N VAL A 675 -2.27 15.11 -6.05
CA VAL A 675 -3.36 14.16 -5.81
C VAL A 675 -4.31 14.75 -4.76
N LEU A 676 -5.61 14.80 -5.10
CA LEU A 676 -6.64 15.30 -4.18
C LEU A 676 -7.64 14.19 -3.89
N ILE A 677 -7.74 13.79 -2.63
CA ILE A 677 -8.55 12.63 -2.27
C ILE A 677 -9.96 13.05 -1.81
N ASN A 678 -10.99 12.60 -2.53
CA ASN A 678 -12.40 12.91 -2.21
C ASN A 678 -12.58 14.42 -2.14
N PRO A 679 -12.32 15.10 -3.25
CA PRO A 679 -12.42 16.55 -3.14
C PRO A 679 -13.88 16.94 -3.05
N PRO A 680 -14.18 18.08 -2.38
CA PRO A 680 -15.58 18.49 -2.40
C PRO A 680 -16.10 18.44 -3.85
N PRO A 681 -17.31 17.90 -4.09
CA PRO A 681 -17.62 17.78 -5.52
C PRO A 681 -18.14 19.09 -6.14
N ASP A 682 -17.47 20.20 -5.81
CA ASP A 682 -17.67 21.50 -6.45
C ASP A 682 -16.52 21.91 -7.39
N THR A 683 -15.47 21.08 -7.45
CA THR A 683 -14.17 21.52 -7.96
C THR A 683 -13.99 21.25 -9.45
N ARG A 684 -13.28 22.16 -10.14
CA ARG A 684 -13.17 22.12 -11.60
C ARG A 684 -12.09 21.20 -12.12
N LEU A 685 -12.04 21.08 -13.43
CA LEU A 685 -11.15 20.14 -14.07
C LEU A 685 -10.55 20.69 -15.35
N GLU A 686 -9.25 20.48 -15.46
CA GLU A 686 -8.44 20.95 -16.58
C GLU A 686 -8.53 19.95 -17.74
N LEU A 687 -7.67 20.11 -18.73
CA LEU A 687 -7.57 19.18 -19.85
C LEU A 687 -6.83 17.90 -19.43
N ASN A 688 -5.56 18.02 -19.05
CA ASN A 688 -4.78 16.85 -18.63
C ASN A 688 -4.93 16.66 -17.13
N ASP A 689 -5.63 15.60 -16.77
CA ASP A 689 -5.97 15.27 -15.38
C ASP A 689 -6.32 13.77 -15.37
N ILE A 690 -6.33 13.15 -14.19
CA ILE A 690 -6.66 11.72 -14.06
C ILE A 690 -7.49 11.45 -12.80
N VAL A 691 -8.38 10.47 -12.85
CA VAL A 691 -9.22 10.12 -11.70
C VAL A 691 -9.21 8.63 -11.42
N TYR A 692 -9.31 8.27 -10.14
CA TYR A 692 -9.21 6.87 -9.73
C TYR A 692 -10.58 6.27 -9.48
N LEU A 693 -10.98 5.32 -10.33
CA LEU A 693 -12.32 4.78 -10.24
C LEU A 693 -12.24 3.26 -10.05
N ILE A 694 -13.30 2.68 -9.49
CA ILE A 694 -13.36 1.23 -9.29
C ILE A 694 -14.40 0.59 -10.24
N ARG A 695 -13.97 -0.39 -11.04
CA ARG A 695 -14.87 -1.08 -11.99
C ARG A 695 -14.95 -2.57 -11.75
N SER A 696 -16.16 -3.06 -11.42
CA SER A 696 -16.40 -4.49 -11.27
C SER A 696 -17.37 -5.06 -12.31
N ASP A 697 -16.84 -5.78 -13.30
CA ASP A 697 -17.68 -6.66 -14.13
C ASP A 697 -16.92 -7.96 -14.43
N PRO A 698 -16.46 -8.67 -13.39
CA PRO A 698 -16.11 -10.08 -13.66
C PRO A 698 -17.33 -11.02 -13.72
N LEU A 699 -18.39 -10.69 -12.96
CA LEU A 699 -19.47 -11.62 -12.63
C LEU A 699 -20.88 -11.00 -12.66
N ALA A 700 -21.80 -11.66 -13.36
CA ALA A 700 -23.18 -11.21 -13.45
C ALA A 700 -24.10 -12.15 -12.67
N UNK B 1 0.63 -40.95 2.26
CA UNK B 1 0.93 -42.23 1.64
C UNK B 1 -0.02 -42.53 0.50
N UNK B 2 -1.28 -42.13 0.66
CA UNK B 2 -2.27 -42.24 -0.41
C UNK B 2 -2.36 -40.94 -1.23
N UNK B 3 -2.71 -39.84 -0.57
CA UNK B 3 -2.88 -38.55 -1.23
C UNK B 3 -1.67 -38.10 -2.03
N UNK B 4 -0.51 -38.61 -1.65
CA UNK B 4 0.73 -38.31 -2.37
C UNK B 4 0.99 -39.20 -3.62
N UNK B 5 0.82 -40.54 -3.50
CA UNK B 5 1.30 -41.53 -4.51
C UNK B 5 0.43 -41.76 -5.77
N UNK B 6 -0.87 -41.60 -5.62
CA UNK B 6 -1.82 -41.75 -6.72
C UNK B 6 -1.88 -40.51 -7.64
N UNK B 7 -1.53 -39.33 -7.10
CA UNK B 7 -1.63 -38.05 -7.84
C UNK B 7 -0.71 -38.02 -9.07
N UNK B 8 0.55 -38.39 -8.87
CA UNK B 8 1.42 -38.82 -9.96
C UNK B 8 2.80 -39.20 -9.46
N UNK B 9 3.47 -40.05 -10.21
CA UNK B 9 4.89 -40.29 -10.03
C UNK B 9 5.51 -39.98 -11.37
N UNK B 10 6.26 -38.88 -11.44
CA UNK B 10 6.63 -38.33 -12.73
C UNK B 10 7.74 -37.31 -12.61
N UNK B 11 8.09 -36.69 -13.75
CA UNK B 11 9.06 -35.60 -13.78
C UNK B 11 8.59 -34.52 -12.85
N UNK B 12 9.55 -33.83 -12.26
CA UNK B 12 9.27 -32.90 -11.17
C UNK B 12 8.10 -31.97 -11.48
N UNK B 13 7.96 -31.57 -12.74
CA UNK B 13 6.86 -30.67 -13.12
C UNK B 13 5.48 -31.25 -12.74
N UNK B 14 5.18 -32.45 -13.26
CA UNK B 14 3.86 -33.07 -13.14
C UNK B 14 3.52 -33.58 -11.73
N UNK B 15 4.53 -33.98 -10.95
CA UNK B 15 4.34 -34.34 -9.53
C UNK B 15 4.32 -33.13 -8.59
N UNK B 16 5.16 -32.12 -8.87
CA UNK B 16 5.20 -30.90 -8.06
C UNK B 16 3.93 -30.09 -8.20
N UNK B 17 3.34 -30.09 -9.40
CA UNK B 17 1.98 -29.54 -9.53
C UNK B 17 1.00 -30.24 -8.57
N UNK B 18 0.97 -31.57 -8.57
CA UNK B 18 0.08 -32.34 -7.69
C UNK B 18 0.36 -32.04 -6.22
N UNK B 19 1.64 -31.97 -5.87
CA UNK B 19 2.06 -31.63 -4.51
C UNK B 19 1.63 -30.23 -4.08
N UNK B 20 2.04 -29.22 -4.85
CA UNK B 20 1.71 -27.83 -4.51
C UNK B 20 0.20 -27.57 -4.56
N UNK B 21 -0.53 -28.33 -5.36
CA UNK B 21 -2.01 -28.30 -5.33
C UNK B 21 -2.57 -28.93 -4.05
N UNK B 22 -2.03 -30.08 -3.67
CA UNK B 22 -2.37 -30.71 -2.38
C UNK B 22 -2.13 -29.78 -1.19
N UNK B 23 -1.03 -29.01 -1.21
CA UNK B 23 -0.77 -28.01 -0.17
C UNK B 23 -1.91 -26.98 -0.03
N UNK B 24 -2.33 -26.44 -1.16
CA UNK B 24 -3.44 -25.50 -1.18
C UNK B 24 -4.77 -26.16 -0.84
N UNK B 25 -4.93 -27.43 -1.23
CA UNK B 25 -6.16 -28.15 -0.92
C UNK B 25 -6.32 -28.55 0.56
N UNK B 26 -5.30 -28.35 1.39
CA UNK B 26 -5.40 -28.63 2.83
C UNK B 26 -6.14 -27.51 3.55
N UNK B 27 -5.80 -26.28 3.18
CA UNK B 27 -6.47 -25.08 3.67
C UNK B 27 -7.51 -24.44 2.71
N UNK B 28 -7.70 -24.97 1.49
CA UNK B 28 -8.55 -24.31 0.49
C UNK B 28 -9.30 -25.33 -0.40
N UNK B 29 -10.21 -24.91 -1.31
CA UNK B 29 -10.56 -23.51 -1.64
C UNK B 29 -12.07 -23.26 -1.78
N UNK B 30 -12.60 -22.30 -1.03
CA UNK B 30 -13.92 -21.73 -1.32
C UNK B 30 -13.84 -20.63 -2.37
N UNK B 31 -12.72 -19.90 -2.37
CA UNK B 31 -12.48 -18.81 -3.33
C UNK B 31 -11.99 -19.29 -4.71
N UNK B 32 -10.96 -20.12 -4.73
CA UNK B 32 -10.41 -20.62 -6.01
C UNK B 32 -11.44 -21.50 -6.71
N UNK B 33 -12.29 -22.17 -5.93
CA UNK B 33 -13.38 -23.02 -6.44
C UNK B 33 -14.50 -22.22 -7.14
N UNK B 34 -14.97 -21.14 -6.52
CA UNK B 34 -15.97 -20.24 -7.12
C UNK B 34 -15.39 -19.47 -8.35
N UNK B 35 -14.12 -19.04 -8.30
CA UNK B 35 -13.44 -18.49 -9.50
C UNK B 35 -13.28 -19.50 -10.67
N UNK B 36 -12.90 -20.74 -10.36
CA UNK B 36 -12.84 -21.84 -11.36
C UNK B 36 -14.20 -22.37 -11.90
N UNK B 37 -15.28 -22.30 -11.11
CA UNK B 37 -16.65 -22.54 -11.61
C UNK B 37 -17.28 -21.36 -12.38
N UNK B 38 -16.93 -20.13 -12.03
CA UNK B 38 -17.24 -18.95 -12.87
C UNK B 38 -16.40 -18.84 -14.17
N UNK B 39 -15.15 -19.32 -14.15
CA UNK B 39 -14.34 -19.48 -15.38
C UNK B 39 -14.82 -20.57 -16.37
N UNK B 40 -15.82 -21.37 -15.97
CA UNK B 40 -16.49 -22.32 -16.87
C UNK B 40 -17.74 -21.73 -17.56
N UNK B 41 -18.19 -20.55 -17.08
CA UNK B 41 -19.32 -19.81 -17.69
C UNK B 41 -18.90 -19.01 -18.93
N UNK B 42 -17.75 -18.35 -18.82
CA UNK B 42 -17.11 -17.67 -19.96
C UNK B 42 -16.76 -18.60 -21.14
N UNK B 43 -15.77 -19.48 -20.92
CA UNK B 43 -15.27 -20.38 -21.97
C UNK B 43 -16.08 -21.67 -22.08
#